data_2ZGN
#
_entry.id   2ZGN
#
_cell.length_a   53.450
_cell.length_b   66.540
_cell.length_c   58.080
_cell.angle_alpha   90.00
_cell.angle_beta   109.07
_cell.angle_gamma   90.00
#
_symmetry.space_group_name_H-M   'P 1 21 1'
#
loop_
_entity.id
_entity.type
_entity.pdbx_description
1 polymer 'Anti-tumor lectin'
2 non-polymer beta-D-galactopyranose
3 water water
#
_entity_poly.entity_id   1
_entity_poly.type   'polypeptide(L)'
_entity_poly.pdbx_seq_one_letter_code
;MQGVNIYNISAGTSVDLAAPVTTGDIVTFFSSALNLNAGAGNPNNTTLNLFAENGAYLLHIAFRLQENVIIFNSRQPDGP
WLVEQRVSDVANQFAGIDGKAMVTVFDHGDKYQVVINEKTVIQYTKQISGLTSSLSYNATEETSIFSTVVEAVTYTGLAL
EHHHHHH
;
_entity_poly.pdbx_strand_id   A,B
#
# COMPACT_ATOMS: atom_id res chain seq x y z
N GLN A 2 -10.54 6.57 4.55
CA GLN A 2 -10.70 8.04 4.38
C GLN A 2 -9.38 8.80 4.55
N GLY A 3 -8.28 8.07 4.75
CA GLY A 3 -7.00 8.73 4.93
C GLY A 3 -5.75 7.87 4.83
N VAL A 4 -4.71 8.39 4.18
CA VAL A 4 -3.44 7.69 4.02
C VAL A 4 -2.32 8.35 4.83
N ASN A 5 -1.46 7.54 5.42
CA ASN A 5 -0.33 8.04 6.20
C ASN A 5 0.92 7.24 5.86
N ILE A 6 2.04 7.94 5.74
CA ILE A 6 3.32 7.33 5.39
C ILE A 6 4.37 7.50 6.48
N TYR A 7 5.07 6.43 6.82
CA TYR A 7 6.11 6.53 7.83
C TYR A 7 7.38 5.78 7.42
N ASN A 8 8.51 6.48 7.50
CA ASN A 8 9.78 5.85 7.20
C ASN A 8 10.29 5.44 8.56
N ILE A 9 10.45 4.14 8.73
CA ILE A 9 10.92 3.62 9.99
C ILE A 9 12.33 3.07 9.84
N SER A 10 13.26 3.73 10.50
CA SER A 10 14.64 3.32 10.43
C SER A 10 14.82 2.09 11.30
N ALA A 11 15.66 1.17 10.84
CA ALA A 11 15.91 -0.07 11.56
C ALA A 11 16.21 0.15 13.04
N GLY A 12 15.42 -0.50 13.90
CA GLY A 12 15.62 -0.38 15.32
C GLY A 12 14.87 0.75 15.99
N THR A 13 13.96 1.40 15.27
CA THR A 13 13.21 2.51 15.86
C THR A 13 11.71 2.27 15.83
N SER A 14 10.99 3.25 16.37
CA SER A 14 9.55 3.17 16.44
C SER A 14 8.94 4.47 15.93
N VAL A 15 7.62 4.48 15.77
CA VAL A 15 6.93 5.67 15.30
C VAL A 15 5.49 5.78 15.85
N ASP A 16 5.10 7.00 16.23
CA ASP A 16 3.75 7.25 16.74
C ASP A 16 2.85 7.58 15.55
N LEU A 17 1.65 7.04 15.56
CA LEU A 17 0.72 7.27 14.47
C LEU A 17 -0.10 8.53 14.68
N ALA A 18 -0.25 9.32 13.62
CA ALA A 18 -1.03 10.54 13.69
C ALA A 18 -2.49 10.11 13.79
N ALA A 19 -2.79 8.97 13.18
CA ALA A 19 -4.11 8.40 13.20
C ALA A 19 -3.96 6.94 13.64
N PRO A 20 -4.59 6.58 14.76
CA PRO A 20 -4.49 5.20 15.26
C PRO A 20 -5.12 4.18 14.32
N VAL A 21 -4.65 2.94 14.38
CA VAL A 21 -5.22 1.90 13.56
C VAL A 21 -6.17 1.11 14.44
N THR A 22 -7.41 0.99 14.00
CA THR A 22 -8.41 0.25 14.77
C THR A 22 -9.15 -0.72 13.85
N THR A 23 -10.14 -1.40 14.42
CA THR A 23 -10.93 -2.37 13.69
C THR A 23 -11.39 -1.92 12.29
N GLY A 24 -11.03 -2.71 11.28
CA GLY A 24 -11.40 -2.38 9.92
C GLY A 24 -10.33 -1.60 9.17
N ASP A 25 -9.26 -1.17 9.87
CA ASP A 25 -8.17 -0.41 9.25
C ASP A 25 -7.04 -1.32 8.72
N ILE A 26 -6.10 -0.73 8.00
CA ILE A 26 -5.00 -1.50 7.41
C ILE A 26 -3.64 -0.84 7.54
N VAL A 27 -2.60 -1.67 7.62
CA VAL A 27 -1.23 -1.21 7.71
C VAL A 27 -0.33 -2.16 6.90
N THR A 28 0.46 -1.61 5.98
CA THR A 28 1.37 -2.42 5.18
C THR A 28 2.78 -1.88 5.37
N PHE A 29 3.73 -2.77 5.58
CA PHE A 29 5.13 -2.35 5.74
C PHE A 29 5.81 -2.64 4.40
N PHE A 30 6.52 -1.67 3.85
CA PHE A 30 7.19 -1.90 2.57
C PHE A 30 8.72 -1.94 2.69
N SER A 31 9.32 -3.01 2.18
CA SER A 31 10.78 -3.14 2.19
C SER A 31 11.33 -3.13 0.78
N SER A 32 12.42 -2.40 0.57
CA SER A 32 13.03 -2.31 -0.75
C SER A 32 14.14 -3.33 -0.97
N ALA A 33 14.15 -4.38 -0.15
CA ALA A 33 15.15 -5.42 -0.27
C ALA A 33 14.76 -6.71 0.46
N LEU A 34 15.34 -7.82 0.05
CA LEU A 34 15.09 -9.12 0.67
C LEU A 34 16.43 -9.84 0.78
N ASN A 35 16.81 -10.23 1.99
CA ASN A 35 18.07 -10.91 2.20
C ASN A 35 17.84 -12.18 2.98
N LEU A 36 17.25 -13.15 2.30
CA LEU A 36 16.93 -14.44 2.89
C LEU A 36 18.23 -15.16 3.21
N ASN A 37 19.35 -14.52 2.87
CA ASN A 37 20.66 -15.09 3.13
C ASN A 37 21.47 -14.21 4.10
N ALA A 38 20.76 -13.51 4.98
CA ALA A 38 21.41 -12.63 5.95
C ALA A 38 22.04 -13.45 7.07
N GLY A 39 22.69 -12.77 8.01
CA GLY A 39 23.32 -13.48 9.12
C GLY A 39 22.41 -14.16 10.13
N ALA A 40 23.01 -14.57 11.24
CA ALA A 40 22.28 -15.25 12.31
C ALA A 40 21.44 -14.27 13.11
N GLY A 41 20.17 -14.60 13.30
CA GLY A 41 19.28 -13.74 14.07
C GLY A 41 19.67 -13.75 15.55
N ASN A 42 19.16 -12.79 16.31
CA ASN A 42 19.52 -12.68 17.72
C ASN A 42 18.44 -12.94 18.78
N PRO A 43 17.54 -13.92 18.57
CA PRO A 43 17.34 -14.87 17.47
C PRO A 43 16.60 -14.25 16.29
N ASN A 44 16.14 -13.01 16.45
CA ASN A 44 15.41 -12.36 15.37
C ASN A 44 16.30 -11.61 14.40
N ASN A 45 15.99 -11.74 13.11
CA ASN A 45 16.72 -11.01 12.07
C ASN A 45 15.89 -9.75 11.89
N THR A 46 14.58 -9.93 11.90
CA THR A 46 13.64 -8.83 11.72
C THR A 46 12.38 -9.02 12.56
N THR A 47 11.80 -7.90 12.99
CA THR A 47 10.55 -7.92 13.74
C THR A 47 9.78 -6.67 13.36
N LEU A 48 8.46 -6.80 13.33
CA LEU A 48 7.56 -5.70 13.00
C LEU A 48 6.54 -5.76 14.10
N ASN A 49 6.20 -4.61 14.67
CA ASN A 49 5.25 -4.63 15.76
C ASN A 49 4.15 -3.59 15.71
N LEU A 50 3.03 -3.90 16.34
CA LEU A 50 1.92 -2.95 16.45
C LEU A 50 1.70 -2.80 17.96
N PHE A 51 1.86 -1.57 18.46
CA PHE A 51 1.69 -1.32 19.89
C PHE A 51 0.42 -0.53 20.22
N ALA A 52 -0.02 -0.67 21.47
CA ALA A 52 -1.20 0.06 21.93
C ALA A 52 -0.65 1.26 22.69
N GLU A 53 -1.57 2.11 23.14
CA GLU A 53 -1.20 3.31 23.88
C GLU A 53 -0.31 2.99 25.08
N ASN A 54 -0.75 2.04 25.91
CA ASN A 54 0.01 1.65 27.10
C ASN A 54 1.35 0.96 26.81
N GLY A 55 1.64 0.74 25.53
CA GLY A 55 2.90 0.09 25.18
C GLY A 55 2.82 -1.43 25.02
N ALA A 56 1.64 -1.98 25.19
CA ALA A 56 1.44 -3.41 25.06
C ALA A 56 1.72 -3.86 23.62
N TYR A 57 2.19 -5.10 23.49
CA TYR A 57 2.48 -5.70 22.20
C TYR A 57 1.19 -6.31 21.68
N LEU A 58 0.48 -5.58 20.82
CA LEU A 58 -0.75 -6.09 20.24
C LEU A 58 -0.37 -7.27 19.34
N LEU A 59 0.61 -7.04 18.46
CA LEU A 59 1.06 -8.11 17.59
C LEU A 59 2.57 -8.02 17.41
N HIS A 60 3.27 -9.14 17.63
CA HIS A 60 4.72 -9.20 17.51
C HIS A 60 5.08 -10.15 16.36
N ILE A 61 5.59 -9.58 15.27
CA ILE A 61 5.97 -10.36 14.10
C ILE A 61 7.50 -10.51 14.02
N ALA A 62 7.99 -11.72 14.29
CA ALA A 62 9.43 -11.99 14.28
C ALA A 62 9.90 -12.98 13.22
N PHE A 63 10.82 -12.53 12.36
CA PHE A 63 11.37 -13.37 11.31
C PHE A 63 12.71 -13.93 11.74
N ARG A 64 12.84 -15.25 11.69
CA ARG A 64 14.07 -15.92 12.08
C ARG A 64 14.57 -16.91 11.02
N LEU A 65 15.66 -16.56 10.35
CA LEU A 65 16.21 -17.43 9.31
C LEU A 65 16.78 -18.75 9.83
N GLN A 66 17.71 -18.69 10.77
CA GLN A 66 18.34 -19.90 11.29
C GLN A 66 17.34 -20.84 11.96
N GLU A 67 16.27 -20.28 12.52
CA GLU A 67 15.23 -21.10 13.14
C GLU A 67 14.18 -21.38 12.07
N ASN A 68 14.37 -20.76 10.91
CA ASN A 68 13.47 -20.90 9.77
C ASN A 68 12.02 -20.94 10.21
N VAL A 69 11.58 -19.87 10.85
CA VAL A 69 10.21 -19.78 11.32
C VAL A 69 9.86 -18.31 11.48
N ILE A 70 8.56 -18.01 11.44
CA ILE A 70 8.07 -16.65 11.64
C ILE A 70 7.11 -16.77 12.81
N ILE A 71 7.47 -16.13 13.92
CA ILE A 71 6.65 -16.17 15.14
C ILE A 71 5.72 -14.96 15.30
N PHE A 72 4.58 -15.21 15.97
CA PHE A 72 3.57 -14.20 16.26
C PHE A 72 3.17 -14.34 17.72
N ASN A 73 3.07 -13.23 18.43
CA ASN A 73 2.69 -13.27 19.84
C ASN A 73 2.35 -11.86 20.34
N SER A 74 1.99 -11.76 21.61
CA SER A 74 1.65 -10.49 22.23
C SER A 74 2.09 -10.57 23.68
N ARG A 75 1.92 -9.45 24.40
CA ARG A 75 2.27 -9.40 25.80
C ARG A 75 1.95 -8.03 26.36
N GLN A 76 1.50 -8.03 27.61
CA GLN A 76 1.16 -6.81 28.32
C GLN A 76 2.41 -5.93 28.47
N PRO A 77 2.21 -4.63 28.73
CA PRO A 77 3.31 -3.67 28.88
C PRO A 77 4.54 -4.15 29.68
N ASP A 78 4.33 -4.80 30.80
CA ASP A 78 5.46 -5.26 31.59
C ASP A 78 5.26 -6.71 32.03
N GLY A 79 4.61 -7.49 31.18
CA GLY A 79 4.36 -8.89 31.48
C GLY A 79 5.09 -9.86 30.58
N PRO A 80 4.83 -11.17 30.72
CA PRO A 80 5.46 -12.22 29.91
C PRO A 80 4.79 -12.40 28.55
N TRP A 81 5.46 -13.10 27.65
CA TRP A 81 4.90 -13.34 26.32
C TRP A 81 3.76 -14.32 26.48
N LEU A 82 2.70 -14.14 25.70
CA LEU A 82 1.55 -15.03 25.78
C LEU A 82 1.74 -16.29 24.95
N VAL A 83 0.65 -16.80 24.38
CA VAL A 83 0.74 -18.02 23.57
C VAL A 83 1.19 -17.68 22.16
N GLU A 84 2.37 -18.14 21.75
CA GLU A 84 2.86 -17.80 20.42
C GLU A 84 2.43 -18.76 19.32
N GLN A 85 2.21 -18.19 18.13
CA GLN A 85 1.82 -18.95 16.95
C GLN A 85 3.05 -19.07 16.05
N ARG A 86 3.12 -20.11 15.25
CA ARG A 86 4.28 -20.32 14.39
C ARG A 86 3.98 -20.68 12.94
N VAL A 87 4.83 -20.18 12.04
CA VAL A 87 4.74 -20.44 10.61
C VAL A 87 6.14 -20.77 10.11
N SER A 88 6.36 -22.05 9.78
CA SER A 88 7.66 -22.51 9.34
C SER A 88 8.00 -22.14 7.92
N ASP A 89 9.29 -22.19 7.62
CA ASP A 89 9.83 -21.86 6.30
C ASP A 89 9.59 -20.38 5.97
N VAL A 90 10.54 -19.56 6.36
CA VAL A 90 10.46 -18.13 6.11
C VAL A 90 10.52 -17.83 4.61
N ALA A 91 11.58 -18.31 3.97
CA ALA A 91 11.77 -18.06 2.54
C ALA A 91 10.56 -18.41 1.68
N ASN A 92 9.75 -19.34 2.17
CA ASN A 92 8.60 -19.77 1.39
C ASN A 92 7.44 -18.77 1.41
N GLN A 93 7.40 -17.92 2.43
CA GLN A 93 6.33 -16.95 2.52
C GLN A 93 6.55 -15.78 1.57
N PHE A 94 7.79 -15.56 1.18
CA PHE A 94 8.13 -14.48 0.26
C PHE A 94 8.29 -14.96 -1.18
N ALA A 95 8.05 -16.24 -1.42
CA ALA A 95 8.18 -16.79 -2.77
C ALA A 95 7.31 -16.00 -3.76
N GLY A 96 7.80 -15.84 -4.98
CA GLY A 96 7.04 -15.11 -5.97
C GLY A 96 7.62 -13.73 -6.25
N ILE A 97 8.22 -13.10 -5.24
CA ILE A 97 8.82 -11.78 -5.37
C ILE A 97 10.13 -11.70 -4.60
N ASP A 98 11.16 -11.11 -5.20
CA ASP A 98 12.44 -10.94 -4.52
C ASP A 98 13.01 -9.57 -4.86
N GLY A 99 13.95 -9.10 -4.06
CA GLY A 99 14.50 -7.77 -4.31
C GLY A 99 13.72 -6.77 -3.47
N LYS A 100 12.55 -7.19 -3.02
CA LYS A 100 11.67 -6.38 -2.20
C LYS A 100 10.58 -7.26 -1.61
N ALA A 101 9.69 -6.67 -0.82
CA ALA A 101 8.61 -7.42 -0.19
C ALA A 101 7.67 -6.49 0.59
N MET A 102 6.45 -6.96 0.84
CA MET A 102 5.49 -6.18 1.60
C MET A 102 4.74 -7.05 2.60
N VAL A 103 4.55 -6.52 3.81
CA VAL A 103 3.85 -7.24 4.87
C VAL A 103 2.64 -6.43 5.33
N THR A 104 1.46 -6.99 5.12
CA THR A 104 0.22 -6.33 5.50
C THR A 104 -0.47 -6.98 6.71
N VAL A 105 -1.08 -6.14 7.54
CA VAL A 105 -1.80 -6.59 8.71
C VAL A 105 -3.19 -5.95 8.67
N PHE A 106 -4.24 -6.77 8.61
CA PHE A 106 -5.61 -6.28 8.60
C PHE A 106 -6.12 -6.31 10.03
N ASP A 107 -6.69 -5.21 10.53
CA ASP A 107 -7.26 -5.23 11.87
C ASP A 107 -8.72 -5.63 11.65
N HIS A 108 -9.01 -6.88 11.92
CA HIS A 108 -10.34 -7.45 11.72
C HIS A 108 -11.19 -7.39 13.01
N GLY A 109 -10.74 -6.65 14.01
CA GLY A 109 -11.49 -6.55 15.25
C GLY A 109 -11.23 -7.70 16.21
N ASP A 110 -11.49 -8.92 15.77
CA ASP A 110 -11.25 -10.06 16.63
C ASP A 110 -9.94 -10.74 16.26
N LYS A 111 -9.38 -10.40 15.10
CA LYS A 111 -8.13 -11.03 14.66
C LYS A 111 -7.24 -10.11 13.85
N TYR A 112 -6.00 -10.56 13.65
CA TYR A 112 -5.03 -9.83 12.85
C TYR A 112 -4.67 -10.76 11.70
N GLN A 113 -5.14 -10.44 10.50
CA GLN A 113 -4.84 -11.25 9.32
C GLN A 113 -3.49 -10.74 8.78
N VAL A 114 -2.48 -11.61 8.76
CA VAL A 114 -1.17 -11.21 8.27
C VAL A 114 -0.92 -11.78 6.89
N VAL A 115 -0.53 -10.90 5.97
CA VAL A 115 -0.30 -11.32 4.60
C VAL A 115 1.02 -10.80 4.10
N ILE A 116 1.83 -11.71 3.59
CA ILE A 116 3.14 -11.37 3.05
C ILE A 116 2.96 -11.38 1.54
N ASN A 117 3.06 -10.18 0.95
CA ASN A 117 2.84 -9.97 -0.48
C ASN A 117 1.39 -10.33 -0.82
N GLU A 118 1.12 -11.50 -1.38
CA GLU A 118 -0.26 -11.87 -1.68
C GLU A 118 -0.72 -13.04 -0.83
N LYS A 119 0.22 -13.65 -0.11
CA LYS A 119 -0.07 -14.82 0.70
C LYS A 119 -0.45 -14.60 2.18
N THR A 120 -1.68 -14.95 2.52
CA THR A 120 -2.14 -14.83 3.90
C THR A 120 -1.40 -15.89 4.72
N VAL A 121 -0.58 -15.43 5.65
CA VAL A 121 0.21 -16.30 6.48
C VAL A 121 -0.51 -16.80 7.74
N ILE A 122 -1.38 -15.97 8.30
CA ILE A 122 -2.10 -16.39 9.49
C ILE A 122 -3.32 -15.55 9.83
N GLN A 123 -4.27 -16.19 10.50
CA GLN A 123 -5.47 -15.53 10.98
C GLN A 123 -5.26 -15.56 12.49
N TYR A 124 -4.47 -14.60 12.96
CA TYR A 124 -4.12 -14.48 14.37
C TYR A 124 -5.20 -13.92 15.28
N THR A 125 -5.82 -14.80 16.07
CA THR A 125 -6.84 -14.41 17.02
C THR A 125 -6.09 -13.55 18.04
N LYS A 126 -6.64 -12.38 18.35
CA LYS A 126 -5.96 -11.50 19.30
C LYS A 126 -5.91 -12.09 20.71
N GLN A 127 -4.83 -11.82 21.43
CA GLN A 127 -4.65 -12.26 22.80
C GLN A 127 -4.79 -11.00 23.64
N ILE A 128 -4.57 -9.84 23.00
CA ILE A 128 -4.70 -8.53 23.63
C ILE A 128 -5.45 -7.61 22.65
N SER A 129 -6.45 -6.92 23.17
CA SER A 129 -7.30 -6.02 22.40
C SER A 129 -6.92 -4.54 22.52
N GLY A 130 -7.47 -3.71 21.65
CA GLY A 130 -7.17 -2.28 21.70
C GLY A 130 -6.80 -1.68 20.35
N LEU A 131 -6.46 -0.38 20.34
CA LEU A 131 -6.09 0.27 19.11
C LEU A 131 -4.58 0.52 18.99
N THR A 132 -4.08 0.42 17.76
CA THR A 132 -2.66 0.60 17.47
C THR A 132 -2.31 2.07 17.34
N SER A 133 -1.45 2.54 18.23
CA SER A 133 -1.03 3.93 18.22
C SER A 133 0.45 4.08 17.87
N SER A 134 1.13 2.97 17.65
CA SER A 134 2.54 3.01 17.29
C SER A 134 3.02 1.75 16.60
N LEU A 135 4.01 1.92 15.72
CA LEU A 135 4.59 0.82 14.95
C LEU A 135 6.11 0.81 15.12
N SER A 136 6.73 -0.35 14.92
CA SER A 136 8.17 -0.41 15.02
C SER A 136 8.75 -1.47 14.10
N TYR A 137 9.95 -1.21 13.62
CA TYR A 137 10.66 -2.11 12.75
C TYR A 137 12.02 -2.30 13.42
N ASN A 138 12.19 -3.44 14.07
CA ASN A 138 13.43 -3.71 14.79
C ASN A 138 14.35 -4.71 14.11
N ALA A 139 15.62 -4.34 14.00
CA ALA A 139 16.64 -5.19 13.39
C ALA A 139 17.95 -4.45 13.37
N THR A 140 19.05 -5.16 13.13
CA THR A 140 20.36 -4.53 13.05
C THR A 140 20.60 -4.40 11.55
N GLU A 141 21.51 -3.51 11.17
CA GLU A 141 21.79 -3.32 9.76
C GLU A 141 22.44 -4.57 9.16
N GLU A 142 23.19 -5.27 10.00
CA GLU A 142 23.91 -6.48 9.60
C GLU A 142 23.08 -7.70 9.22
N THR A 143 22.03 -7.99 9.99
CA THR A 143 21.26 -9.19 9.74
C THR A 143 19.78 -9.08 9.35
N SER A 144 19.29 -7.87 9.15
CA SER A 144 17.88 -7.71 8.77
C SER A 144 17.58 -8.35 7.39
N ILE A 145 16.35 -8.84 7.22
CA ILE A 145 15.95 -9.41 5.93
C ILE A 145 15.29 -8.31 5.10
N PHE A 146 15.13 -7.14 5.71
CA PHE A 146 14.53 -5.99 5.04
C PHE A 146 15.53 -4.85 4.90
N SER A 147 15.18 -3.87 4.07
CA SER A 147 16.04 -2.71 3.85
C SER A 147 16.23 -1.92 5.16
N THR A 148 17.35 -1.20 5.28
CA THR A 148 17.61 -0.42 6.49
C THR A 148 16.42 0.44 6.90
N VAL A 149 15.70 0.98 5.93
CA VAL A 149 14.51 1.79 6.21
C VAL A 149 13.29 1.14 5.59
N VAL A 150 12.29 0.85 6.42
CA VAL A 150 11.05 0.24 5.94
C VAL A 150 9.97 1.30 6.00
N GLU A 151 9.13 1.34 4.97
CA GLU A 151 8.05 2.32 4.91
C GLU A 151 6.70 1.73 5.28
N ALA A 152 6.12 2.26 6.36
CA ALA A 152 4.83 1.81 6.84
C ALA A 152 3.76 2.73 6.28
N VAL A 153 2.77 2.13 5.62
CA VAL A 153 1.65 2.85 5.03
C VAL A 153 0.38 2.44 5.77
N THR A 154 -0.40 3.41 6.22
CA THR A 154 -1.65 3.12 6.93
C THR A 154 -2.88 3.59 6.15
N TYR A 155 -3.96 2.81 6.27
CA TYR A 155 -5.23 3.14 5.63
C TYR A 155 -6.23 3.13 6.80
N THR A 156 -6.61 4.32 7.25
CA THR A 156 -7.52 4.44 8.38
C THR A 156 -8.85 5.14 8.10
N GLY A 157 -9.80 4.94 9.02
CA GLY A 157 -11.13 5.52 8.89
C GLY A 157 -11.96 4.78 7.86
N LEU A 158 -11.67 3.49 7.67
CA LEU A 158 -12.38 2.70 6.68
C LEU A 158 -13.77 2.20 7.08
N ALA A 159 -13.93 1.80 8.34
CA ALA A 159 -15.22 1.32 8.82
C ALA A 159 -16.19 2.48 8.89
N GLN B 2 -11.19 -11.73 1.42
CA GLN B 2 -10.50 -10.47 1.83
C GLN B 2 -8.98 -10.60 1.75
N GLY B 3 -8.35 -9.87 0.83
CA GLY B 3 -6.91 -9.96 0.70
C GLY B 3 -6.22 -8.94 -0.16
N VAL B 4 -4.93 -9.19 -0.42
CA VAL B 4 -4.09 -8.32 -1.21
C VAL B 4 -3.71 -8.90 -2.56
N ASN B 5 -3.52 -8.04 -3.55
CA ASN B 5 -3.11 -8.42 -4.90
C ASN B 5 -2.12 -7.40 -5.43
N ILE B 6 -1.06 -7.88 -6.07
CA ILE B 6 0.00 -7.01 -6.59
C ILE B 6 0.20 -7.12 -8.10
N TYR B 7 0.14 -5.99 -8.79
CA TYR B 7 0.31 -5.98 -10.24
C TYR B 7 1.43 -5.06 -10.72
N ASN B 8 2.31 -5.60 -11.57
CA ASN B 8 3.41 -4.80 -12.12
C ASN B 8 2.98 -4.31 -13.50
N ILE B 9 2.57 -3.05 -13.58
CA ILE B 9 2.13 -2.49 -14.84
C ILE B 9 3.21 -1.70 -15.59
N SER B 10 3.40 -2.04 -16.86
CA SER B 10 4.37 -1.35 -17.70
C SER B 10 3.66 -0.19 -18.39
N ALA B 11 4.38 0.91 -18.58
CA ALA B 11 3.80 2.07 -19.25
C ALA B 11 3.18 1.65 -20.56
N GLY B 12 1.92 2.03 -20.77
CA GLY B 12 1.23 1.71 -22.00
C GLY B 12 0.49 0.38 -22.02
N THR B 13 0.37 -0.28 -20.87
CA THR B 13 -0.33 -1.55 -20.83
C THR B 13 -1.42 -1.48 -19.80
N SER B 14 -2.24 -2.51 -19.77
CA SER B 14 -3.33 -2.59 -18.82
C SER B 14 -3.26 -3.98 -18.22
N VAL B 15 -4.06 -4.24 -17.21
CA VAL B 15 -4.03 -5.55 -16.59
C VAL B 15 -5.40 -5.88 -16.00
N ASP B 16 -5.79 -7.15 -16.05
CA ASP B 16 -7.08 -7.60 -15.52
C ASP B 16 -6.92 -8.01 -14.06
N LEU B 17 -7.86 -7.57 -13.22
CA LEU B 17 -7.82 -7.89 -11.79
C LEU B 17 -8.33 -9.27 -11.48
N ALA B 18 -7.62 -10.00 -10.64
CA ALA B 18 -8.07 -11.33 -10.25
C ALA B 18 -9.17 -11.13 -9.18
N ALA B 19 -9.09 -10.02 -8.46
CA ALA B 19 -10.06 -9.68 -7.43
C ALA B 19 -10.64 -8.32 -7.78
N PRO B 20 -11.91 -8.28 -8.20
CA PRO B 20 -12.55 -7.01 -8.56
C PRO B 20 -12.56 -5.99 -7.43
N VAL B 21 -12.52 -4.70 -7.78
CA VAL B 21 -12.55 -3.62 -6.79
C VAL B 21 -13.95 -3.02 -6.74
N THR B 22 -14.59 -3.13 -5.57
CA THR B 22 -15.93 -2.58 -5.41
C THR B 22 -16.02 -1.60 -4.25
N THR B 23 -17.23 -1.13 -3.96
CA THR B 23 -17.44 -0.18 -2.87
C THR B 23 -16.79 -0.67 -1.58
N GLY B 24 -15.97 0.20 -0.99
CA GLY B 24 -15.27 -0.14 0.23
C GLY B 24 -13.87 -0.69 -0.07
N ASP B 25 -13.52 -0.79 -1.35
CA ASP B 25 -12.21 -1.32 -1.73
C ASP B 25 -11.16 -0.24 -2.01
N ILE B 26 -9.90 -0.66 -2.15
CA ILE B 26 -8.79 0.27 -2.37
C ILE B 26 -7.72 -0.16 -3.37
N VAL B 27 -7.27 0.81 -4.16
CA VAL B 27 -6.22 0.60 -5.15
C VAL B 27 -5.19 1.69 -4.96
N THR B 28 -3.91 1.32 -5.03
CA THR B 28 -2.85 2.30 -4.89
C THR B 28 -1.78 2.01 -5.93
N PHE B 29 -1.44 3.01 -6.73
CA PHE B 29 -0.41 2.86 -7.74
C PHE B 29 0.89 3.39 -7.14
N PHE B 30 1.94 2.57 -7.16
CA PHE B 30 3.23 2.98 -6.63
C PHE B 30 4.26 3.27 -7.72
N SER B 31 4.88 4.45 -7.64
CA SER B 31 5.91 4.84 -8.61
C SER B 31 7.26 4.92 -7.91
N SER B 32 8.29 4.32 -8.50
CA SER B 32 9.62 4.34 -7.90
C SER B 32 10.48 5.52 -8.35
N ALA B 33 9.83 6.57 -8.83
CA ALA B 33 10.54 7.77 -9.26
C ALA B 33 9.58 8.94 -9.37
N LEU B 34 10.13 10.14 -9.56
CA LEU B 34 9.32 11.34 -9.70
C LEU B 34 10.06 12.41 -10.50
N ASN B 35 9.91 12.41 -11.82
CA ASN B 35 10.60 13.41 -12.64
C ASN B 35 9.64 14.52 -13.02
N LEU B 36 9.80 15.68 -12.39
CA LEU B 36 8.94 16.80 -12.70
C LEU B 36 9.58 17.70 -13.74
N ASN B 37 10.62 17.18 -14.39
CA ASN B 37 11.32 17.89 -15.45
C ASN B 37 11.27 17.01 -16.69
N ALA B 38 10.40 16.01 -16.67
CA ALA B 38 10.25 15.03 -17.76
C ALA B 38 9.97 15.54 -19.17
N GLY B 39 9.53 16.77 -19.33
CA GLY B 39 9.23 17.25 -20.67
C GLY B 39 7.74 17.49 -20.83
N ALA B 40 7.31 17.86 -22.04
CA ALA B 40 5.89 18.13 -22.30
C ALA B 40 5.02 16.93 -22.63
N GLY B 41 3.81 16.91 -22.05
CA GLY B 41 2.87 15.83 -22.31
C GLY B 41 2.25 15.98 -23.69
N ASN B 42 1.50 14.98 -24.14
CA ASN B 42 0.90 15.07 -25.47
C ASN B 42 -0.60 14.86 -25.53
N PRO B 43 -1.39 15.54 -24.68
CA PRO B 43 -1.02 16.51 -23.64
C PRO B 43 -0.67 15.87 -22.30
N ASN B 44 -0.89 14.57 -22.21
CA ASN B 44 -0.63 13.84 -20.97
C ASN B 44 0.78 13.30 -20.83
N ASN B 45 1.33 13.39 -19.62
CA ASN B 45 2.65 12.85 -19.35
C ASN B 45 2.42 11.44 -18.81
N THR B 46 1.38 11.31 -18.00
CA THR B 46 1.04 10.06 -17.36
C THR B 46 -0.44 9.97 -17.05
N THR B 47 -1.01 8.78 -17.21
CA THR B 47 -2.40 8.55 -16.90
C THR B 47 -2.55 7.22 -16.17
N LEU B 48 -3.47 7.19 -15.21
CA LEU B 48 -3.76 6.00 -14.39
C LEU B 48 -5.26 5.82 -14.57
N ASN B 49 -5.72 4.61 -14.82
CA ASN B 49 -7.15 4.41 -15.05
C ASN B 49 -7.79 3.19 -14.39
N LEU B 50 -9.08 3.31 -14.12
CA LEU B 50 -9.89 2.22 -13.55
C LEU B 50 -10.94 1.90 -14.62
N PHE B 51 -11.08 0.64 -15.00
CA PHE B 51 -12.06 0.29 -16.02
C PHE B 51 -13.18 -0.63 -15.57
N ALA B 52 -14.36 -0.41 -16.12
CA ALA B 52 -15.50 -1.25 -15.81
C ALA B 52 -15.26 -2.46 -16.71
N GLU B 53 -16.13 -3.45 -16.66
CA GLU B 53 -15.94 -4.64 -17.49
C GLU B 53 -16.16 -4.40 -18.98
N ASN B 54 -16.97 -3.42 -19.34
CA ASN B 54 -17.24 -3.13 -20.74
C ASN B 54 -16.20 -2.22 -21.40
N GLY B 55 -15.20 -1.80 -20.62
CA GLY B 55 -14.16 -0.95 -21.17
C GLY B 55 -14.30 0.52 -20.81
N ALA B 56 -15.47 0.91 -20.31
CA ALA B 56 -15.71 2.28 -19.92
C ALA B 56 -14.71 2.73 -18.85
N TYR B 57 -14.30 4.00 -18.93
CA TYR B 57 -13.37 4.58 -17.96
C TYR B 57 -14.16 5.04 -16.74
N LEU B 58 -14.11 4.26 -15.66
CA LEU B 58 -14.82 4.64 -14.45
C LEU B 58 -14.10 5.86 -13.86
N LEU B 59 -12.78 5.82 -13.90
CA LEU B 59 -11.96 6.91 -13.40
C LEU B 59 -10.68 7.04 -14.22
N HIS B 60 -10.44 8.24 -14.72
CA HIS B 60 -9.27 8.53 -15.53
C HIS B 60 -8.53 9.68 -14.86
N ILE B 61 -7.27 9.46 -14.51
CA ILE B 61 -6.44 10.47 -13.85
C ILE B 61 -5.26 10.80 -14.75
N ALA B 62 -5.16 12.06 -15.18
CA ALA B 62 -4.06 12.44 -16.07
C ALA B 62 -3.18 13.58 -15.55
N PHE B 63 -1.88 13.37 -15.61
CA PHE B 63 -0.94 14.39 -15.14
C PHE B 63 -0.33 15.10 -16.35
N ARG B 64 -0.45 16.42 -16.38
CA ARG B 64 0.11 17.22 -17.46
C ARG B 64 1.02 18.33 -16.91
N LEU B 65 2.33 18.19 -17.16
CA LEU B 65 3.32 19.15 -16.70
C LEU B 65 3.22 20.50 -17.39
N GLN B 66 3.08 20.49 -18.72
CA GLN B 66 2.99 21.74 -19.48
C GLN B 66 1.84 22.61 -19.02
N GLU B 67 0.71 21.96 -18.75
CA GLU B 67 -0.49 22.65 -18.27
C GLU B 67 -0.48 22.77 -16.76
N ASN B 68 0.54 22.20 -16.11
CA ASN B 68 0.65 22.27 -14.66
C ASN B 68 -0.70 22.03 -14.01
N VAL B 69 -1.34 20.94 -14.40
CA VAL B 69 -2.65 20.60 -13.87
C VAL B 69 -2.86 19.08 -13.84
N ILE B 70 -3.82 18.63 -13.03
CA ILE B 70 -4.13 17.21 -12.94
C ILE B 70 -5.58 17.05 -13.36
N ILE B 71 -5.85 16.08 -14.22
CA ILE B 71 -7.20 15.88 -14.71
C ILE B 71 -7.86 14.57 -14.28
N PHE B 72 -9.18 14.65 -14.07
CA PHE B 72 -10.02 13.52 -13.67
C PHE B 72 -11.26 13.46 -14.57
N ASN B 73 -11.59 12.29 -15.11
CA ASN B 73 -12.77 12.18 -15.97
C ASN B 73 -13.22 10.72 -16.11
N SER B 74 -14.27 10.52 -16.92
CA SER B 74 -14.85 9.21 -17.18
C SER B 74 -15.39 9.23 -18.60
N ARG B 75 -15.69 8.05 -19.13
CA ARG B 75 -16.29 7.94 -20.45
C ARG B 75 -16.60 6.49 -20.81
N GLN B 76 -17.67 6.31 -21.57
CA GLN B 76 -18.11 4.98 -22.01
C GLN B 76 -17.20 4.47 -23.11
N PRO B 77 -17.04 3.14 -23.20
CA PRO B 77 -16.19 2.49 -24.19
C PRO B 77 -16.23 3.19 -25.54
N ASP B 78 -17.42 3.54 -25.99
CA ASP B 78 -17.53 4.20 -27.28
C ASP B 78 -17.89 5.68 -27.18
N GLY B 79 -18.55 6.08 -26.11
CA GLY B 79 -18.94 7.46 -25.96
C GLY B 79 -17.79 8.46 -25.83
N PRO B 80 -18.11 9.76 -25.76
CA PRO B 80 -17.14 10.85 -25.63
C PRO B 80 -16.79 11.10 -24.17
N TRP B 81 -15.62 11.69 -23.94
CA TRP B 81 -15.19 12.01 -22.57
C TRP B 81 -16.28 12.85 -21.92
N LEU B 82 -16.46 12.70 -20.61
CA LEU B 82 -17.50 13.48 -19.96
C LEU B 82 -16.98 14.77 -19.32
N VAL B 83 -17.69 15.28 -18.32
CA VAL B 83 -17.34 16.52 -17.63
C VAL B 83 -16.00 16.45 -16.92
N GLU B 84 -15.01 17.13 -17.49
CA GLU B 84 -13.67 17.15 -16.96
C GLU B 84 -13.55 17.89 -15.63
N GLN B 85 -12.85 17.27 -14.69
CA GLN B 85 -12.63 17.84 -13.36
C GLN B 85 -11.11 18.03 -13.24
N ARG B 86 -10.64 19.22 -12.89
CA ARG B 86 -9.20 19.42 -12.76
C ARG B 86 -8.71 20.18 -11.53
N VAL B 87 -7.45 19.92 -11.16
CA VAL B 87 -6.79 20.53 -10.00
C VAL B 87 -5.38 20.99 -10.42
N SER B 88 -5.04 22.24 -10.11
CA SER B 88 -3.75 22.79 -10.53
C SER B 88 -2.55 22.61 -9.61
N ASP B 89 -1.38 22.80 -10.21
CA ASP B 89 -0.08 22.67 -9.56
C ASP B 89 0.22 21.21 -9.21
N VAL B 90 0.90 20.53 -10.11
CA VAL B 90 1.25 19.13 -9.91
C VAL B 90 2.26 18.98 -8.78
N ALA B 91 3.40 19.64 -8.91
CA ALA B 91 4.46 19.57 -7.92
C ALA B 91 3.98 19.72 -6.49
N ASN B 92 2.99 20.57 -6.28
CA ASN B 92 2.46 20.80 -4.95
C ASN B 92 1.78 19.57 -4.39
N GLN B 93 1.11 18.82 -5.26
CA GLN B 93 0.42 17.62 -4.83
C GLN B 93 1.42 16.56 -4.37
N PHE B 94 2.62 16.58 -4.96
CA PHE B 94 3.65 15.62 -4.60
C PHE B 94 4.62 16.11 -3.51
N ALA B 95 4.53 17.38 -3.15
CA ALA B 95 5.41 17.94 -2.12
C ALA B 95 5.39 17.02 -0.90
N GLY B 96 6.57 16.73 -0.37
CA GLY B 96 6.65 15.85 0.79
C GLY B 96 7.66 14.74 0.56
N ILE B 97 7.42 13.90 -0.46
CA ILE B 97 8.35 12.82 -0.75
C ILE B 97 8.99 13.08 -2.13
N ASP B 98 10.24 12.65 -2.31
CA ASP B 98 10.97 12.91 -3.54
C ASP B 98 11.16 11.88 -4.66
N GLY B 99 12.14 11.00 -4.53
CA GLY B 99 12.41 10.03 -5.59
C GLY B 99 11.33 9.01 -5.90
N LYS B 100 10.10 9.27 -5.43
CA LYS B 100 9.01 8.34 -5.63
C LYS B 100 7.68 8.99 -5.33
N ALA B 101 6.62 8.19 -5.40
CA ALA B 101 5.27 8.66 -5.11
C ALA B 101 4.25 7.53 -5.22
N MET B 102 3.11 7.71 -4.56
CA MET B 102 2.05 6.72 -4.60
C MET B 102 0.74 7.49 -4.79
N VAL B 103 -0.20 6.88 -5.51
CA VAL B 103 -1.50 7.46 -5.75
C VAL B 103 -2.56 6.45 -5.28
N THR B 104 -3.45 6.89 -4.39
CA THR B 104 -4.48 6.01 -3.86
C THR B 104 -5.90 6.42 -4.26
N VAL B 105 -6.75 5.42 -4.50
CA VAL B 105 -8.13 5.68 -4.87
C VAL B 105 -9.06 4.86 -3.99
N PHE B 106 -9.98 5.53 -3.30
CA PHE B 106 -10.93 4.82 -2.47
C PHE B 106 -12.26 4.78 -3.19
N ASP B 107 -12.78 3.58 -3.45
CA ASP B 107 -14.08 3.49 -4.10
C ASP B 107 -15.08 3.66 -2.96
N HIS B 108 -15.75 4.81 -2.94
CA HIS B 108 -16.72 5.16 -1.91
C HIS B 108 -18.17 4.94 -2.37
N GLY B 109 -18.34 4.09 -3.37
CA GLY B 109 -19.67 3.81 -3.88
C GLY B 109 -20.21 4.92 -4.76
N ASP B 110 -20.38 6.10 -4.17
CA ASP B 110 -20.89 7.25 -4.92
C ASP B 110 -19.76 8.17 -5.36
N LYS B 111 -18.57 7.97 -4.81
CA LYS B 111 -17.44 8.81 -5.15
C LYS B 111 -16.10 8.10 -5.07
N TYR B 112 -15.14 8.61 -5.83
CA TYR B 112 -13.80 8.07 -5.80
C TYR B 112 -12.97 9.15 -5.13
N GLN B 113 -12.35 8.80 -4.00
CA GLN B 113 -11.51 9.74 -3.30
C GLN B 113 -10.10 9.46 -3.78
N VAL B 114 -9.41 10.49 -4.29
CA VAL B 114 -8.06 10.32 -4.79
C VAL B 114 -7.06 11.01 -3.87
N VAL B 115 -6.14 10.22 -3.33
CA VAL B 115 -5.15 10.74 -2.42
C VAL B 115 -3.74 10.50 -2.98
N ILE B 116 -2.96 11.58 -3.09
CA ILE B 116 -1.60 11.47 -3.55
C ILE B 116 -0.74 11.57 -2.29
N ASN B 117 0.03 10.52 -2.04
CA ASN B 117 0.87 10.44 -0.84
C ASN B 117 -0.13 10.49 0.32
N GLU B 118 -0.13 11.56 1.10
CA GLU B 118 -1.07 11.66 2.21
C GLU B 118 -2.10 12.76 1.94
N LYS B 119 -2.00 13.41 0.78
CA LYS B 119 -2.88 14.52 0.42
C LYS B 119 -4.08 14.17 -0.45
N THR B 120 -5.28 14.43 0.04
CA THR B 120 -6.48 14.18 -0.75
C THR B 120 -6.55 15.27 -1.80
N VAL B 121 -6.53 14.88 -3.07
CA VAL B 121 -6.57 15.82 -4.16
C VAL B 121 -8.00 16.11 -4.59
N ILE B 122 -8.87 15.12 -4.46
CA ILE B 122 -10.26 15.33 -4.86
C ILE B 122 -11.22 14.28 -4.36
N GLN B 123 -12.47 14.71 -4.15
CA GLN B 123 -13.55 13.83 -3.76
C GLN B 123 -14.44 13.82 -5.00
N TYR B 124 -14.02 13.01 -5.98
CA TYR B 124 -14.65 12.85 -7.29
C TYR B 124 -16.02 12.18 -7.30
N THR B 125 -17.05 12.95 -7.60
CA THR B 125 -18.39 12.39 -7.70
C THR B 125 -18.36 11.56 -8.99
N LYS B 126 -18.83 10.32 -8.92
CA LYS B 126 -18.81 9.46 -10.09
C LYS B 126 -19.69 9.95 -11.22
N GLN B 127 -19.25 9.70 -12.45
CA GLN B 127 -20.04 10.07 -13.64
C GLN B 127 -20.57 8.75 -14.21
N ILE B 128 -19.92 7.65 -13.81
CA ILE B 128 -20.28 6.29 -14.22
C ILE B 128 -19.97 5.42 -13.00
N SER B 129 -20.82 4.46 -12.68
CA SER B 129 -20.56 3.60 -11.52
C SER B 129 -20.38 2.10 -11.84
N GLY B 130 -19.98 1.33 -10.84
CA GLY B 130 -19.76 -0.09 -11.05
C GLY B 130 -18.42 -0.56 -10.53
N LEU B 131 -18.19 -1.86 -10.57
CA LEU B 131 -16.94 -2.44 -10.09
C LEU B 131 -15.81 -2.29 -11.10
N THR B 132 -14.59 -2.19 -10.58
CA THR B 132 -13.40 -2.04 -11.41
C THR B 132 -12.86 -3.42 -11.78
N SER B 133 -12.84 -3.69 -13.08
CA SER B 133 -12.40 -4.99 -13.58
C SER B 133 -10.93 -5.05 -14.00
N SER B 134 -10.37 -3.91 -14.37
CA SER B 134 -8.99 -3.86 -14.79
C SER B 134 -8.38 -2.48 -14.53
N LEU B 135 -7.08 -2.36 -14.74
CA LEU B 135 -6.35 -1.11 -14.54
C LEU B 135 -5.40 -0.88 -15.70
N SER B 136 -4.84 0.34 -15.78
CA SER B 136 -3.88 0.68 -16.81
C SER B 136 -3.03 1.89 -16.42
N TYR B 137 -1.87 2.00 -17.05
CA TYR B 137 -0.94 3.08 -16.81
C TYR B 137 -0.34 3.43 -18.18
N ASN B 138 -0.76 4.56 -18.74
CA ASN B 138 -0.27 4.97 -20.04
C ASN B 138 0.68 6.16 -20.00
N ALA B 139 1.81 5.97 -20.66
CA ALA B 139 2.85 6.99 -20.75
C ALA B 139 3.99 6.38 -21.56
N THR B 140 4.93 7.22 -21.98
CA THR B 140 6.09 6.72 -22.70
C THR B 140 7.31 6.93 -21.82
N GLU B 141 8.38 6.22 -22.12
CA GLU B 141 9.62 6.34 -21.35
C GLU B 141 10.13 7.78 -21.32
N GLU B 142 10.02 8.45 -22.46
CA GLU B 142 10.52 9.80 -22.63
C GLU B 142 9.92 10.90 -21.78
N THR B 143 8.61 10.86 -21.54
CA THR B 143 7.99 11.94 -20.78
C THR B 143 7.12 11.60 -19.57
N SER B 144 7.12 10.34 -19.15
CA SER B 144 6.32 9.97 -18.00
C SER B 144 6.88 10.58 -16.74
N ILE B 145 6.02 11.02 -15.84
CA ILE B 145 6.49 11.58 -14.58
C ILE B 145 6.73 10.45 -13.60
N PHE B 146 6.25 9.25 -13.94
CA PHE B 146 6.44 8.10 -13.07
C PHE B 146 7.48 7.11 -13.57
N SER B 147 7.80 6.12 -12.74
CA SER B 147 8.76 5.10 -13.12
C SER B 147 8.22 4.36 -14.33
N THR B 148 9.09 3.68 -15.06
CA THR B 148 8.66 2.98 -16.25
C THR B 148 7.65 1.87 -15.94
N VAL B 149 7.76 1.28 -14.76
CA VAL B 149 6.81 0.24 -14.36
C VAL B 149 6.14 0.68 -13.05
N VAL B 150 4.82 0.62 -13.03
CA VAL B 150 4.04 1.01 -11.85
C VAL B 150 3.48 -0.23 -11.14
N GLU B 151 3.51 -0.24 -9.81
CA GLU B 151 3.00 -1.36 -9.05
C GLU B 151 1.65 -1.04 -8.39
N ALA B 152 0.57 -1.60 -8.92
CA ALA B 152 -0.73 -1.36 -8.32
C ALA B 152 -0.98 -2.44 -7.28
N VAL B 153 -1.48 -2.03 -6.12
CA VAL B 153 -1.76 -2.97 -5.06
C VAL B 153 -3.22 -2.80 -4.69
N THR B 154 -3.96 -3.91 -4.57
CA THR B 154 -5.37 -3.81 -4.21
C THR B 154 -5.70 -4.53 -2.92
N TYR B 155 -6.61 -3.93 -2.17
CA TYR B 155 -7.09 -4.49 -0.91
C TYR B 155 -8.59 -4.66 -1.17
N THR B 156 -9.05 -5.90 -1.27
CA THR B 156 -10.45 -6.14 -1.54
C THR B 156 -11.19 -6.96 -0.50
N GLY B 157 -12.51 -7.00 -0.66
CA GLY B 157 -13.36 -7.73 0.26
C GLY B 157 -13.44 -7.03 1.60
N LEU B 158 -13.10 -5.74 1.59
CA LEU B 158 -13.09 -4.95 2.81
C LEU B 158 -14.46 -4.77 3.47
N ALA B 159 -15.45 -4.38 2.68
CA ALA B 159 -16.79 -4.16 3.21
C ALA B 159 -17.50 -5.46 3.61
#